data_5O6R
#
_entry.id   5O6R
#
_cell.length_a   36.300
_cell.length_b   54.900
_cell.length_c   107.560
_cell.angle_alpha   90.00
_cell.angle_beta   90.00
_cell.angle_gamma   90.00
#
_symmetry.space_group_name_H-M   'P 21 21 21'
#
loop_
_entity.id
_entity.type
_entity.pdbx_description
1 polymer Beta-phosphoglucomutase
2 non-polymer 'MAGNESIUM ION'
3 non-polymer 1-O-phosphono-beta-D-glucopyranose
4 non-polymer 'TETRAFLUOROALUMINATE ION'
5 water water
#
_entity_poly.entity_id   1
_entity_poly.type   'polypeptide(L)'
_entity_poly.pdbx_seq_one_letter_code
;MFKAVLFDLNGVITDTAEYHFRAWKALAEEIGINGVDRQFNEQLKGVSREDSLQKILDLADKKVSAEEFKELAKRKNDNY
VKMIQDVSPADVYPGILQLLKDLRSNKIKIALASASKNGPFLLERMNLTGYFDAIADPAEVAASKPAPDIFIAAAHAVGV
APSESIGLEDSQAGIQAIKDSGALPIGVGRPEDLGDDIVIVPDTSHYTLEFLKEVWLQKQK
;
_entity_poly.pdbx_strand_id   A
#
loop_
_chem_comp.id
_chem_comp.type
_chem_comp.name
_chem_comp.formula
ALF non-polymer 'TETRAFLUOROALUMINATE ION' 'Al F4 -1'
MG non-polymer 'MAGNESIUM ION' 'Mg 2'
XGP D-saccharide 1-O-phosphono-beta-D-glucopyranose 'C6 H13 O9 P'
#
# COMPACT_ATOMS: atom_id res chain seq x y z
N MET A 1 -10.50 3.75 22.90
CA MET A 1 -9.36 4.03 21.99
C MET A 1 -9.55 3.21 20.73
N PHE A 2 -8.90 3.63 19.65
CA PHE A 2 -8.84 2.78 18.47
C PHE A 2 -8.19 1.45 18.79
N LYS A 3 -8.65 0.41 18.12
CA LYS A 3 -8.30 -0.96 18.43
C LYS A 3 -7.43 -1.62 17.37
N ALA A 4 -7.24 -0.96 16.24
CA ALA A 4 -6.36 -1.47 15.18
C ALA A 4 -5.80 -0.34 14.38
N VAL A 5 -4.62 -0.60 13.78
CA VAL A 5 -4.06 0.28 12.74
C VAL A 5 -3.83 -0.56 11.49
N LEU A 6 -4.34 -0.06 10.37
CA LEU A 6 -4.35 -0.70 9.06
C LEU A 6 -3.33 0.05 8.19
N PHE A 7 -2.22 -0.60 7.89
CA PHE A 7 -1.09 0.04 7.19
C PHE A 7 -1.08 -0.24 5.70
N ASP A 8 -1.08 0.81 4.89
CA ASP A 8 -0.59 0.67 3.51
C ASP A 8 0.90 0.31 3.60
N LEU A 9 1.44 -0.26 2.50
CA LEU A 9 2.84 -0.63 2.41
CA LEU A 9 2.87 -0.58 2.47
C LEU A 9 3.64 0.53 1.78
N ASN A 10 3.48 0.70 0.46
CA ASN A 10 4.35 1.62 -0.31
C ASN A 10 4.06 3.08 0.01
N GLY A 11 5.09 3.79 0.41
CA GLY A 11 4.97 5.17 0.85
C GLY A 11 4.70 5.33 2.35
N VAL A 12 4.50 4.22 3.08
CA VAL A 12 4.24 4.24 4.53
C VAL A 12 5.32 3.48 5.26
N ILE A 13 5.40 2.18 5.04
CA ILE A 13 6.40 1.38 5.71
C ILE A 13 7.80 1.53 5.10
N THR A 14 7.80 1.55 3.77
CA THR A 14 9.00 1.89 2.98
C THR A 14 8.40 2.32 1.63
N ASP A 15 9.19 2.50 0.59
CA ASP A 15 8.61 2.75 -0.72
C ASP A 15 9.35 2.03 -1.82
N THR A 16 8.64 1.18 -2.55
CA THR A 16 9.24 0.46 -3.67
C THR A 16 8.68 0.91 -5.01
N ALA A 17 8.00 2.04 -5.01
CA ALA A 17 7.42 2.55 -6.24
C ALA A 17 8.40 2.74 -7.38
N GLU A 18 9.60 3.16 -7.10
CA GLU A 18 10.59 3.33 -8.18
C GLU A 18 10.82 2.03 -8.95
N TYR A 19 10.86 0.92 -8.19
CA TYR A 19 11.13 -0.39 -8.77
C TYR A 19 9.93 -0.84 -9.57
N HIS A 20 8.70 -0.62 -9.08
CA HIS A 20 7.51 -0.89 -9.91
C HIS A 20 7.57 -0.08 -11.19
N PHE A 21 7.86 1.23 -11.09
CA PHE A 21 7.94 2.04 -12.30
C PHE A 21 8.94 1.47 -13.28
N ARG A 22 10.16 1.23 -12.83
CA ARG A 22 11.18 0.69 -13.72
C ARG A 22 10.68 -0.57 -14.40
N ALA A 23 10.09 -1.46 -13.63
CA ALA A 23 9.70 -2.78 -14.18
C ALA A 23 8.51 -2.67 -15.13
N TRP A 24 7.49 -1.88 -14.78
CA TRP A 24 6.36 -1.70 -15.72
C TRP A 24 6.80 -0.98 -17.02
N LYS A 25 7.64 0.03 -16.88
CA LYS A 25 8.11 0.78 -18.05
C LYS A 25 8.91 -0.13 -18.95
N ALA A 26 9.79 -0.97 -18.37
CA ALA A 26 10.57 -1.90 -19.20
C ALA A 26 9.64 -2.86 -19.93
N LEU A 27 8.62 -3.37 -19.23
CA LEU A 27 7.69 -4.28 -19.87
C LEU A 27 6.95 -3.63 -21.00
N ALA A 28 6.39 -2.45 -20.74
CA ALA A 28 5.67 -1.73 -21.78
C ALA A 28 6.54 -1.50 -23.02
N GLU A 29 7.76 -1.05 -22.81
CA GLU A 29 8.63 -0.74 -23.92
C GLU A 29 8.99 -2.04 -24.73
N GLU A 30 9.14 -3.17 -24.04
CA GLU A 30 9.45 -4.45 -24.70
C GLU A 30 8.35 -4.89 -25.62
N ILE A 31 7.11 -4.48 -25.35
CA ILE A 31 5.97 -4.83 -26.17
C ILE A 31 5.43 -3.65 -26.99
N GLY A 32 6.22 -2.59 -27.12
CA GLY A 32 5.94 -1.49 -28.01
C GLY A 32 4.89 -0.51 -27.56
N ILE A 33 4.67 -0.41 -26.25
CA ILE A 33 3.70 0.53 -25.71
C ILE A 33 4.39 1.78 -25.19
N ASN A 34 3.91 2.95 -25.61
CA ASN A 34 4.32 4.25 -25.09
C ASN A 34 3.31 4.78 -24.10
N GLY A 35 3.76 5.59 -23.14
CA GLY A 35 2.91 6.26 -22.21
C GLY A 35 3.12 5.85 -20.75
N VAL A 36 3.96 4.84 -20.49
CA VAL A 36 4.24 4.47 -19.10
C VAL A 36 5.34 5.39 -18.58
N ASP A 37 4.91 6.58 -18.13
CA ASP A 37 5.76 7.61 -17.56
C ASP A 37 5.49 7.77 -16.07
N ARG A 38 6.20 8.70 -15.44
CA ARG A 38 6.11 8.82 -13.99
C ARG A 38 4.70 9.22 -13.57
N GLN A 39 4.07 10.13 -14.32
CA GLN A 39 2.67 10.53 -14.11
C GLN A 39 1.73 9.32 -14.14
N PHE A 40 1.93 8.44 -15.10
CA PHE A 40 1.14 7.22 -15.22
C PHE A 40 1.39 6.34 -13.99
N ASN A 41 2.66 6.14 -13.62
CA ASN A 41 2.94 5.28 -12.49
C ASN A 41 2.41 5.80 -11.15
N GLU A 42 2.35 7.11 -11.00
CA GLU A 42 1.78 7.67 -9.78
C GLU A 42 0.29 7.30 -9.65
N GLN A 43 -0.41 7.07 -10.77
CA GLN A 43 -1.74 6.58 -10.78
C GLN A 43 -1.96 5.13 -10.44
N LEU A 44 -0.84 4.39 -10.29
CA LEU A 44 -0.87 2.97 -9.95
C LEU A 44 -0.71 2.74 -8.46
N LYS A 45 -0.77 3.79 -7.65
CA LYS A 45 -0.67 3.61 -6.19
C LYS A 45 -1.90 2.87 -5.73
N GLY A 46 -1.70 1.75 -5.01
CA GLY A 46 -2.82 0.98 -4.49
C GLY A 46 -3.56 0.13 -5.50
N VAL A 47 -2.99 -0.03 -6.71
CA VAL A 47 -3.67 -0.69 -7.84
C VAL A 47 -3.02 -2.06 -7.95
N SER A 48 -3.86 -3.09 -8.11
CA SER A 48 -3.38 -4.48 -8.21
C SER A 48 -2.45 -4.69 -9.39
N ARG A 49 -1.66 -5.75 -9.32
CA ARG A 49 -0.79 -6.10 -10.45
C ARG A 49 -1.59 -6.23 -11.75
N GLU A 50 -2.71 -6.92 -11.67
CA GLU A 50 -3.54 -7.19 -12.87
C GLU A 50 -4.22 -5.93 -13.41
N ASP A 51 -4.78 -5.09 -12.51
CA ASP A 51 -5.33 -3.83 -12.98
C ASP A 51 -4.29 -2.89 -13.55
N SER A 52 -3.07 -2.96 -12.97
CA SER A 52 -1.96 -2.17 -13.45
C SER A 52 -1.61 -2.55 -14.91
N LEU A 53 -1.46 -3.87 -15.12
CA LEU A 53 -1.16 -4.32 -16.46
C LEU A 53 -2.26 -3.94 -17.45
N GLN A 54 -3.50 -4.09 -17.04
CA GLN A 54 -4.58 -3.74 -17.97
C GLN A 54 -4.55 -2.24 -18.34
N LYS A 55 -4.25 -1.37 -17.37
CA LYS A 55 -4.08 0.06 -17.67
C LYS A 55 -3.00 0.33 -18.72
N ILE A 56 -1.90 -0.45 -18.63
CA ILE A 56 -0.84 -0.35 -19.61
C ILE A 56 -1.31 -0.81 -20.97
N LEU A 57 -1.96 -1.96 -21.03
CA LEU A 57 -2.47 -2.43 -22.33
C LEU A 57 -3.42 -1.40 -22.94
N ASP A 58 -4.25 -0.78 -22.08
CA ASP A 58 -5.21 0.20 -22.56
C ASP A 58 -4.61 1.41 -23.25
N LEU A 59 -3.37 1.73 -22.91
CA LEU A 59 -2.67 2.85 -23.57
C LEU A 59 -2.63 2.71 -25.07
N ALA A 60 -2.53 1.48 -25.54
CA ALA A 60 -2.43 1.15 -26.96
C ALA A 60 -3.57 0.30 -27.44
N ASP A 61 -4.64 0.20 -26.65
CA ASP A 61 -5.79 -0.63 -27.05
C ASP A 61 -5.33 -2.05 -27.43
N LYS A 62 -4.32 -2.56 -26.70
CA LYS A 62 -3.72 -3.85 -26.99
C LYS A 62 -4.57 -4.94 -26.37
N LYS A 63 -4.92 -5.93 -27.18
CA LYS A 63 -5.66 -7.07 -26.74
C LYS A 63 -4.68 -8.24 -26.69
N VAL A 64 -4.74 -8.98 -25.60
CA VAL A 64 -3.89 -10.14 -25.42
C VAL A 64 -4.71 -11.31 -24.90
N SER A 65 -4.24 -12.54 -25.11
CA SER A 65 -4.91 -13.72 -24.56
C SER A 65 -4.76 -13.76 -23.05
N ALA A 66 -5.58 -14.54 -22.37
CA ALA A 66 -5.42 -14.71 -20.92
C ALA A 66 -4.05 -15.24 -20.55
N GLU A 67 -3.55 -16.20 -21.33
CA GLU A 67 -2.22 -16.78 -21.09
C GLU A 67 -1.13 -15.70 -21.28
N GLU A 68 -1.25 -14.88 -22.33
CA GLU A 68 -0.29 -13.80 -22.58
C GLU A 68 -0.32 -12.77 -21.43
N PHE A 69 -1.53 -12.45 -20.98
CA PHE A 69 -1.69 -11.56 -19.84
C PHE A 69 -0.96 -12.05 -18.61
N LYS A 70 -1.17 -13.32 -18.29
CA LYS A 70 -0.49 -13.91 -17.16
C LYS A 70 1.01 -13.87 -17.33
N GLU A 71 1.50 -14.18 -18.53
CA GLU A 71 2.95 -14.15 -18.77
C GLU A 71 3.56 -12.77 -18.66
N LEU A 72 2.85 -11.76 -19.14
CA LEU A 72 3.30 -10.36 -19.04
C LEU A 72 3.41 -9.94 -17.57
N ALA A 73 2.37 -10.25 -16.78
CA ALA A 73 2.37 -9.89 -15.38
C ALA A 73 3.50 -10.62 -14.64
N LYS A 74 3.74 -11.91 -14.95
CA LYS A 74 4.82 -12.66 -14.36
C LYS A 74 6.17 -12.11 -14.70
N ARG A 75 6.35 -11.74 -15.97
CA ARG A 75 7.64 -11.19 -16.44
C ARG A 75 7.95 -9.93 -15.64
N LYS A 76 6.99 -9.03 -15.55
CA LYS A 76 7.23 -7.80 -14.77
C LYS A 76 7.47 -8.09 -13.30
N ASN A 77 6.65 -8.97 -12.72
CA ASN A 77 6.85 -9.27 -11.31
C ASN A 77 8.23 -9.89 -11.05
N ASP A 78 8.66 -10.83 -11.88
CA ASP A 78 9.99 -11.42 -11.70
C ASP A 78 11.08 -10.36 -11.70
N ASN A 79 10.95 -9.38 -12.58
CA ASN A 79 11.91 -8.27 -12.68
C ASN A 79 11.86 -7.42 -11.41
N TYR A 80 10.67 -7.07 -10.97
CA TYR A 80 10.52 -6.30 -9.73
C TYR A 80 11.09 -7.04 -8.53
N VAL A 81 10.83 -8.34 -8.42
CA VAL A 81 11.35 -9.11 -7.29
C VAL A 81 12.88 -9.12 -7.30
N LYS A 82 13.50 -9.20 -8.48
CA LYS A 82 14.97 -9.09 -8.57
C LYS A 82 15.41 -7.71 -8.06
N MET A 83 14.67 -6.66 -8.38
CA MET A 83 15.07 -5.30 -8.02
C MET A 83 15.01 -5.03 -6.54
N ILE A 84 14.14 -5.75 -5.81
CA ILE A 84 13.98 -5.57 -4.35
C ILE A 84 14.77 -6.53 -3.49
N GLN A 85 15.69 -7.28 -4.11
CA GLN A 85 16.39 -8.29 -3.32
C GLN A 85 17.27 -7.76 -2.19
N ASP A 86 17.73 -6.51 -2.30
CA ASP A 86 18.58 -5.93 -1.27
C ASP A 86 17.77 -5.20 -0.20
N VAL A 87 16.43 -5.11 -0.30
CA VAL A 87 15.65 -4.46 0.76
C VAL A 87 15.90 -5.17 2.09
N SER A 88 16.07 -4.38 3.14
CA SER A 88 16.46 -4.89 4.45
C SER A 88 15.77 -4.07 5.53
N PRO A 89 16.07 -4.32 6.82
CA PRO A 89 15.56 -3.46 7.86
C PRO A 89 16.00 -1.99 7.69
N ALA A 90 17.11 -1.76 7.00
CA ALA A 90 17.55 -0.39 6.77
C ALA A 90 16.55 0.45 6.02
N ASP A 91 15.70 -0.19 5.20
CA ASP A 91 14.81 0.52 4.31
C ASP A 91 13.53 1.02 5.04
N VAL A 92 13.29 0.59 6.28
CA VAL A 92 12.10 0.99 6.98
C VAL A 92 12.07 2.52 7.18
N TYR A 93 10.95 3.15 6.90
CA TYR A 93 10.81 4.57 7.03
C TYR A 93 10.84 5.03 8.50
N PRO A 94 11.23 6.30 8.72
CA PRO A 94 11.39 6.80 10.11
C PRO A 94 10.09 6.75 10.88
N GLY A 95 10.20 6.38 12.15
CA GLY A 95 9.04 6.31 13.01
C GLY A 95 8.31 5.00 12.97
N ILE A 96 8.43 4.25 11.85
CA ILE A 96 7.55 3.11 11.67
C ILE A 96 7.85 1.98 12.63
N LEU A 97 9.13 1.62 12.76
CA LEU A 97 9.44 0.55 13.69
C LEU A 97 9.03 0.85 15.14
N GLN A 98 9.26 2.09 15.57
CA GLN A 98 8.83 2.45 16.93
C GLN A 98 7.32 2.43 17.08
N LEU A 99 6.61 2.88 16.03
CA LEU A 99 5.15 2.84 16.06
C LEU A 99 4.65 1.41 16.23
N LEU A 100 5.22 0.50 15.44
CA LEU A 100 4.84 -0.93 15.52
C LEU A 100 5.07 -1.48 16.95
N LYS A 101 6.25 -1.19 17.50
CA LYS A 101 6.55 -1.62 18.87
C LYS A 101 5.52 -1.07 19.86
N ASP A 102 5.25 0.23 19.74
CA ASP A 102 4.33 0.91 20.66
C ASP A 102 2.88 0.40 20.54
N LEU A 103 2.42 0.17 19.31
CA LEU A 103 1.08 -0.41 19.11
C LEU A 103 1.02 -1.78 19.74
N ARG A 104 2.03 -2.59 19.49
CA ARG A 104 2.02 -3.95 20.06
C ARG A 104 2.01 -3.91 21.59
N SER A 105 2.81 -3.01 22.16
CA SER A 105 2.94 -2.99 23.62
C SER A 105 1.62 -2.50 24.28
N ASN A 106 0.88 -1.67 23.55
CA ASN A 106 -0.43 -1.19 23.96
C ASN A 106 -1.59 -2.09 23.54
N LYS A 107 -1.29 -3.27 22.99
CA LYS A 107 -2.30 -4.28 22.64
C LYS A 107 -3.26 -3.78 21.59
N ILE A 108 -2.71 -2.97 20.66
CA ILE A 108 -3.49 -2.47 19.52
C ILE A 108 -3.12 -3.34 18.31
N LYS A 109 -4.12 -3.87 17.58
CA LYS A 109 -3.88 -4.79 16.46
C LYS A 109 -3.25 -4.05 15.29
N ILE A 110 -2.42 -4.79 14.53
CA ILE A 110 -1.65 -4.28 13.41
C ILE A 110 -1.94 -5.15 12.19
N ALA A 111 -2.41 -4.54 11.10
CA ALA A 111 -2.69 -5.29 9.89
C ALA A 111 -2.10 -4.56 8.69
N LEU A 112 -1.68 -5.33 7.68
CA LEU A 112 -1.28 -4.78 6.39
C LEU A 112 -2.47 -4.79 5.44
N ALA A 113 -2.68 -3.61 4.82
CA ALA A 113 -3.78 -3.37 3.86
C ALA A 113 -3.17 -2.83 2.57
N SER A 114 -2.31 -3.65 1.96
CA SER A 114 -1.65 -3.31 0.69
C SER A 114 -2.28 -4.05 -0.49
N ALA A 115 -2.27 -3.38 -1.64
CA ALA A 115 -2.64 -3.99 -2.87
C ALA A 115 -1.60 -4.93 -3.43
N SER A 116 -0.36 -4.89 -2.91
CA SER A 116 0.76 -5.63 -3.47
C SER A 116 0.81 -7.04 -2.88
N LYS A 117 0.91 -8.04 -3.74
CA LYS A 117 1.11 -9.42 -3.31
C LYS A 117 2.52 -9.68 -2.81
N ASN A 118 3.41 -8.71 -2.99
CA ASN A 118 4.78 -8.73 -2.47
C ASN A 118 4.89 -8.25 -1.03
N GLY A 119 3.75 -7.90 -0.40
CA GLY A 119 3.77 -7.45 0.98
C GLY A 119 4.47 -8.39 1.95
N PRO A 120 4.08 -9.68 1.98
CA PRO A 120 4.72 -10.58 2.94
C PRO A 120 6.23 -10.67 2.75
N PHE A 121 6.69 -10.78 1.50
CA PHE A 121 8.14 -10.85 1.24
C PHE A 121 8.86 -9.60 1.74
N LEU A 122 8.27 -8.43 1.46
CA LEU A 122 8.86 -7.19 1.93
C LEU A 122 8.90 -7.08 3.43
N LEU A 123 7.80 -7.43 4.12
CA LEU A 123 7.82 -7.39 5.56
C LEU A 123 8.88 -8.32 6.14
N GLU A 124 9.04 -9.48 5.50
CA GLU A 124 10.07 -10.41 5.95
C GLU A 124 11.48 -9.85 5.75
N ARG A 125 11.72 -9.26 4.58
CA ARG A 125 13.03 -8.64 4.36
C ARG A 125 13.36 -7.54 5.34
N MET A 126 12.32 -6.79 5.73
CA MET A 126 12.50 -5.69 6.68
C MET A 126 12.42 -6.11 8.14
N ASN A 127 12.29 -7.42 8.43
CA ASN A 127 12.20 -7.95 9.80
C ASN A 127 11.02 -7.37 10.57
N LEU A 128 9.89 -7.23 9.87
CA LEU A 128 8.67 -6.69 10.43
C LEU A 128 7.55 -7.69 10.64
N THR A 129 7.71 -8.90 10.08
CA THR A 129 6.61 -9.87 10.08
C THR A 129 5.99 -10.10 11.46
N GLY A 130 6.83 -10.16 12.47
CA GLY A 130 6.33 -10.49 13.80
C GLY A 130 5.47 -9.42 14.43
N TYR A 131 5.53 -8.17 13.95
CA TYR A 131 4.62 -7.14 14.44
C TYR A 131 3.21 -7.23 13.87
N PHE A 132 3.06 -7.87 12.72
CA PHE A 132 1.76 -7.87 12.03
C PHE A 132 0.86 -9.00 12.51
N ASP A 133 -0.29 -8.61 13.08
CA ASP A 133 -1.29 -9.62 13.44
C ASP A 133 -1.90 -10.26 12.21
N ALA A 134 -2.01 -9.55 11.11
CA ALA A 134 -2.55 -10.12 9.88
C ALA A 134 -2.09 -9.30 8.67
N ILE A 135 -2.13 -9.95 7.51
CA ILE A 135 -1.89 -9.35 6.24
C ILE A 135 -3.09 -9.67 5.35
N ALA A 136 -3.83 -8.63 4.95
CA ALA A 136 -4.94 -8.84 4.03
C ALA A 136 -4.38 -9.36 2.69
N ASP A 137 -4.93 -10.42 2.13
CA ASP A 137 -4.31 -11.08 0.98
C ASP A 137 -4.98 -10.52 -0.27
N PRO A 138 -4.25 -9.72 -1.07
CA PRO A 138 -4.87 -9.18 -2.27
C PRO A 138 -5.23 -10.24 -3.30
N ALA A 139 -4.69 -11.46 -3.22
CA ALA A 139 -5.16 -12.50 -4.17
C ALA A 139 -6.61 -12.91 -3.82
N GLU A 140 -6.98 -12.84 -2.53
CA GLU A 140 -8.34 -13.17 -2.03
C GLU A 140 -9.25 -11.95 -2.12
N VAL A 141 -8.67 -10.75 -1.98
CA VAL A 141 -9.40 -9.49 -1.89
C VAL A 141 -8.74 -8.60 -2.90
N ALA A 142 -9.11 -8.80 -4.17
CA ALA A 142 -8.35 -8.25 -5.28
C ALA A 142 -8.70 -6.83 -5.74
N ALA A 143 -9.71 -6.22 -5.17
CA ALA A 143 -10.15 -4.94 -5.63
C ALA A 143 -9.10 -3.87 -5.38
N SER A 144 -8.79 -3.12 -6.41
CA SER A 144 -7.81 -2.03 -6.28
C SER A 144 -8.41 -0.88 -5.47
N LYS A 145 -7.54 -0.19 -4.75
CA LYS A 145 -7.92 1.12 -4.19
C LYS A 145 -8.30 2.00 -5.38
N PRO A 146 -9.36 2.83 -5.25
CA PRO A 146 -9.98 3.31 -4.02
C PRO A 146 -11.12 2.48 -3.48
N ALA A 147 -11.38 1.28 -4.00
CA ALA A 147 -12.34 0.40 -3.36
C ALA A 147 -11.87 0.11 -1.91
N PRO A 148 -12.80 0.04 -0.95
CA PRO A 148 -12.42 -0.09 0.45
C PRO A 148 -12.07 -1.53 0.86
N ASP A 149 -12.31 -2.48 -0.05
CA ASP A 149 -12.28 -3.93 0.21
C ASP A 149 -11.04 -4.36 1.01
N ILE A 150 -9.85 -3.92 0.59
CA ILE A 150 -8.61 -4.33 1.25
C ILE A 150 -8.52 -3.88 2.71
N PHE A 151 -9.01 -2.64 2.98
CA PHE A 151 -9.05 -2.16 4.34
C PHE A 151 -10.10 -2.87 5.19
N ILE A 152 -11.27 -3.12 4.61
CA ILE A 152 -12.32 -3.92 5.29
C ILE A 152 -11.78 -5.31 5.63
N ALA A 153 -11.08 -5.92 4.68
CA ALA A 153 -10.51 -7.25 4.89
C ALA A 153 -9.43 -7.23 6.00
N ALA A 154 -8.60 -6.19 6.02
CA ALA A 154 -7.56 -6.06 6.99
C ALA A 154 -8.17 -5.95 8.39
N ALA A 155 -9.23 -5.16 8.52
CA ALA A 155 -9.90 -5.03 9.82
C ALA A 155 -10.52 -6.37 10.22
N HIS A 156 -11.23 -7.03 9.29
CA HIS A 156 -11.81 -8.35 9.62
C HIS A 156 -10.68 -9.29 10.06
N ALA A 157 -9.50 -9.20 9.43
CA ALA A 157 -8.40 -10.11 9.69
C ALA A 157 -7.83 -9.98 11.10
N VAL A 158 -8.08 -8.85 11.78
CA VAL A 158 -7.66 -8.68 13.17
C VAL A 158 -8.85 -8.60 14.13
N GLY A 159 -10.07 -8.86 13.64
CA GLY A 159 -11.25 -8.91 14.51
C GLY A 159 -11.70 -7.58 15.07
N VAL A 160 -11.42 -6.50 14.34
CA VAL A 160 -11.75 -5.14 14.77
C VAL A 160 -12.63 -4.51 13.69
N ALA A 161 -13.66 -3.77 14.09
CA ALA A 161 -14.47 -3.07 13.13
C ALA A 161 -13.64 -1.95 12.47
N PRO A 162 -13.86 -1.69 11.18
CA PRO A 162 -13.18 -0.53 10.59
C PRO A 162 -13.46 0.77 11.33
N SER A 163 -14.65 0.94 11.90
CA SER A 163 -14.94 2.15 12.66
C SER A 163 -14.12 2.32 13.92
N GLU A 164 -13.47 1.26 14.40
CA GLU A 164 -12.56 1.32 15.53
C GLU A 164 -11.09 1.24 15.09
N SER A 165 -10.84 1.57 13.81
CA SER A 165 -9.48 1.49 13.25
C SER A 165 -9.00 2.81 12.68
N ILE A 166 -7.68 2.97 12.66
CA ILE A 166 -6.99 4.01 11.90
C ILE A 166 -6.32 3.38 10.70
N GLY A 167 -6.37 4.10 9.57
CA GLY A 167 -5.66 3.68 8.34
C GLY A 167 -4.58 4.70 8.05
N LEU A 168 -3.38 4.21 7.67
CA LEU A 168 -2.25 5.06 7.30
C LEU A 168 -1.98 4.88 5.82
N GLU A 169 -1.93 6.00 5.09
CA GLU A 169 -1.85 6.01 3.65
C GLU A 169 -1.09 7.21 3.12
N ASP A 170 -0.46 7.03 1.94
CA ASP A 170 0.22 8.10 1.24
C ASP A 170 -0.44 8.50 -0.09
N SER A 171 -1.56 7.90 -0.47
CA SER A 171 -2.15 8.12 -1.79
C SER A 171 -3.61 8.59 -1.70
N GLN A 172 -4.00 9.33 -2.74
CA GLN A 172 -5.40 9.76 -2.85
C GLN A 172 -6.33 8.58 -2.86
N ALA A 173 -6.02 7.60 -3.71
CA ALA A 173 -6.91 6.42 -3.83
C ALA A 173 -6.99 5.69 -2.45
N GLY A 174 -5.85 5.60 -1.77
CA GLY A 174 -5.83 4.91 -0.50
C GLY A 174 -6.61 5.66 0.59
N ILE A 175 -6.49 6.99 0.62
CA ILE A 175 -7.29 7.75 1.57
CA ILE A 175 -7.27 7.79 1.55
C ILE A 175 -8.76 7.51 1.34
N GLN A 176 -9.19 7.49 0.08
CA GLN A 176 -10.61 7.27 -0.21
C GLN A 176 -11.06 5.89 0.22
N ALA A 177 -10.17 4.90 -0.03
CA ALA A 177 -10.43 3.54 0.40
C ALA A 177 -10.65 3.46 1.92
N ILE A 178 -9.77 4.14 2.66
CA ILE A 178 -9.93 4.17 4.12
C ILE A 178 -11.27 4.79 4.49
N LYS A 179 -11.55 5.97 3.92
CA LYS A 179 -12.85 6.65 4.22
C LYS A 179 -14.03 5.71 4.00
N ASP A 180 -14.04 5.06 2.84
CA ASP A 180 -15.19 4.23 2.47
C ASP A 180 -15.23 2.91 3.26
N SER A 181 -14.11 2.53 3.91
CA SER A 181 -14.17 1.40 4.83
C SER A 181 -14.83 1.74 6.18
N GLY A 182 -14.79 3.01 6.56
CA GLY A 182 -15.27 3.43 7.85
C GLY A 182 -14.17 3.75 8.85
N ALA A 183 -12.93 3.40 8.51
CA ALA A 183 -11.78 3.70 9.35
C ALA A 183 -11.41 5.20 9.26
N LEU A 184 -10.53 5.64 10.17
CA LEU A 184 -10.11 7.01 10.26
C LEU A 184 -8.76 7.13 9.53
N PRO A 185 -8.67 7.94 8.45
CA PRO A 185 -7.40 8.08 7.73
C PRO A 185 -6.48 9.09 8.39
N ILE A 186 -5.18 8.80 8.37
CA ILE A 186 -4.14 9.79 8.64
C ILE A 186 -3.16 9.69 7.48
N GLY A 187 -3.06 10.72 6.66
CA GLY A 187 -2.25 10.69 5.46
C GLY A 187 -0.83 11.13 5.73
N VAL A 188 0.09 10.70 4.87
CA VAL A 188 1.47 11.20 4.85
C VAL A 188 1.80 11.73 3.48
N GLY A 189 2.14 13.02 3.42
CA GLY A 189 2.34 13.72 2.16
C GLY A 189 1.93 15.17 2.33
N ARG A 190 1.44 15.74 1.25
CA ARG A 190 1.07 17.16 1.23
C ARG A 190 -0.43 17.29 1.22
N PRO A 191 -1.00 18.27 1.97
CA PRO A 191 -2.43 18.53 1.92
C PRO A 191 -2.91 18.90 0.50
N GLU A 192 -2.07 19.58 -0.29
CA GLU A 192 -2.44 19.90 -1.69
C GLU A 192 -2.87 18.63 -2.44
N ASP A 193 -2.14 17.53 -2.18
CA ASP A 193 -2.37 16.27 -2.88
C ASP A 193 -3.44 15.42 -2.20
N LEU A 194 -3.37 15.31 -0.87
CA LEU A 194 -4.19 14.34 -0.16
C LEU A 194 -5.44 14.90 0.50
N GLY A 195 -5.57 16.22 0.57
CA GLY A 195 -6.77 16.87 1.09
C GLY A 195 -6.50 17.73 2.30
N ASP A 196 -7.36 18.72 2.44
CA ASP A 196 -7.31 19.60 3.63
C ASP A 196 -8.38 19.21 4.68
N ASP A 197 -9.10 18.12 4.42
CA ASP A 197 -10.24 17.69 5.21
C ASP A 197 -9.89 16.63 6.26
N ILE A 198 -8.73 15.99 6.10
CA ILE A 198 -8.26 14.96 7.03
C ILE A 198 -6.92 15.39 7.60
N VAL A 199 -6.46 14.68 8.61
CA VAL A 199 -5.15 14.96 9.17
C VAL A 199 -4.06 14.37 8.26
N ILE A 200 -3.10 15.21 7.92
CA ILE A 200 -1.97 14.86 7.08
C ILE A 200 -0.70 15.23 7.84
N VAL A 201 0.29 14.35 7.79
CA VAL A 201 1.61 14.64 8.31
C VAL A 201 2.64 14.67 7.18
N PRO A 202 3.74 15.41 7.37
CA PRO A 202 4.64 15.62 6.21
C PRO A 202 5.55 14.43 5.92
N ASP A 203 5.84 13.61 6.93
CA ASP A 203 6.65 12.42 6.73
C ASP A 203 6.30 11.46 7.88
N THR A 204 6.80 10.22 7.79
CA THR A 204 6.36 9.19 8.68
C THR A 204 6.90 9.33 10.10
N SER A 205 7.92 10.16 10.30
CA SER A 205 8.38 10.41 11.68
C SER A 205 7.29 11.00 12.56
N HIS A 206 6.29 11.58 11.96
CA HIS A 206 5.15 12.12 12.72
C HIS A 206 4.16 11.06 13.18
N TYR A 207 4.24 9.86 12.61
CA TYR A 207 3.35 8.78 13.01
C TYR A 207 3.86 8.16 14.30
N THR A 208 3.46 8.73 15.40
CA THR A 208 3.76 8.19 16.74
C THR A 208 2.48 7.73 17.38
N LEU A 209 2.58 6.84 18.37
CA LEU A 209 1.39 6.41 19.07
C LEU A 209 0.65 7.60 19.70
N GLU A 210 1.42 8.52 20.29
CA GLU A 210 0.81 9.68 20.90
C GLU A 210 0.03 10.52 19.90
N PHE A 211 0.58 10.71 18.71
CA PHE A 211 -0.10 11.49 17.70
C PHE A 211 -1.37 10.80 17.23
N LEU A 212 -1.29 9.48 16.98
CA LEU A 212 -2.48 8.72 16.60
C LEU A 212 -3.59 8.85 17.64
N LYS A 213 -3.24 8.79 18.94
CA LYS A 213 -4.22 8.93 20.02
C LYS A 213 -4.81 10.35 20.03
N GLU A 214 -3.98 11.37 19.78
CA GLU A 214 -4.45 12.76 19.71
C GLU A 214 -5.47 12.91 18.61
N VAL A 215 -5.16 12.36 17.44
CA VAL A 215 -6.07 12.47 16.30
C VAL A 215 -7.35 11.72 16.59
N TRP A 216 -7.24 10.51 17.16
CA TRP A 216 -8.44 9.76 17.49
C TRP A 216 -9.37 10.50 18.45
N LEU A 217 -8.78 11.14 19.47
CA LEU A 217 -9.56 11.88 20.47
C LEU A 217 -10.20 13.13 19.94
N GLN A 218 -9.64 13.68 18.88
CA GLN A 218 -10.23 14.85 18.21
C GLN A 218 -11.25 14.39 17.18
MG MG B . 1.00 3.77 -0.77
P XGP C . 2.30 -6.57 -6.97
C1 XGP C . 1.72 -4.00 -7.24
C2 XGP C . 1.48 -3.53 -8.62
O2 XGP C . 2.16 -4.35 -9.59
C3 XGP C . 1.88 -2.08 -8.77
O3 XGP C . 1.57 -1.57 -10.07
C4 XGP C . 1.27 -1.25 -7.67
O4 XGP C . 1.74 0.08 -7.76
C5 XGP C . 1.61 -1.87 -6.35
O5 XGP C . 1.14 -3.21 -6.26
C6 XGP C . 0.95 -1.13 -5.21
O6 XGP C . 1.60 -1.47 -3.95
O1 XGP C . 1.30 -5.32 -6.98
OP2 XGP C . 3.44 -6.23 -6.02
OP3 XGP C . 1.40 -7.72 -6.50
OP4 XGP C . 2.75 -6.76 -8.38
AL ALF D . -0.21 0.52 -1.17
F1 ALF D . -1.38 -0.82 -1.01
F2 ALF D . 0.97 1.90 -1.36
F3 ALF D . 1.11 -0.55 -0.63
F4 ALF D . -1.61 1.62 -1.65
MG MG E . 4.08 11.08 -1.10
#